data_2YGG
#
_entry.id   2YGG
#
_cell.length_a   200.700
_cell.length_b   38.350
_cell.length_c   34.100
_cell.angle_alpha   90.00
_cell.angle_beta   91.35
_cell.angle_gamma   90.00
#
_symmetry.space_group_name_H-M   'C 1 2 1'
#
loop_
_entity.id
_entity.type
_entity.pdbx_description
1 polymer 'SODIUM/HYDROGEN EXCHANGER 1'
2 polymer CALMODULIN
3 non-polymer (4S)-2-METHYL-2,4-PENTANEDIOL
4 non-polymer TRIS(HYDROXYETHYL)AMINOMETHANE
5 non-polymer 'CALCIUM ION'
6 non-polymer (4R)-2-METHYLPENTANE-2,4-DIOL
7 water water
#
loop_
_entity_poly.entity_id
_entity_poly.type
_entity_poly.pdbx_seq_one_letter_code
_entity_poly.pdbx_strand_id
1 'polypeptide(L)' AFALSKDKEEEIRKILRNNLQKTRQRLRSYNRHTLVADPYEEAWNQMLLRRQKARQLEQKINNYLTVPAH A
2 'polypeptide(L)'
;MADQLTEEQIAEFKEAFSLFDKDGDGTITTKELGTVMRSLGQNPTEAELQDMINEVDADGNGTIDFPEFLTMMARKMKDT
DSEEEIREAFRVFDKDGNGYISAAELRHVMTNLGEKLTDEEVDEMIREADIDGDGQVNYEEFVQMMTAKA
;
B
#
loop_
_chem_comp.id
_chem_comp.type
_chem_comp.name
_chem_comp.formula
CA non-polymer 'CALCIUM ION' 'Ca 2'
MPD non-polymer (4S)-2-METHYL-2,4-PENTANEDIOL 'C6 H14 O2'
MRD non-polymer (4R)-2-METHYLPENTANE-2,4-DIOL 'C6 H14 O2'
TAM non-polymer TRIS(HYDROXYETHYL)AMINOMETHANE 'C7 H17 N O3'
#
# COMPACT_ATOMS: atom_id res chain seq x y z
N ALA A 1 -27.70 -26.24 28.45
CA ALA A 1 -27.62 -25.45 29.68
C ALA A 1 -26.57 -24.34 29.58
N PHE A 2 -25.43 -24.64 28.96
CA PHE A 2 -24.37 -23.63 28.79
C PHE A 2 -24.04 -23.28 27.35
N ALA A 3 -24.35 -22.05 26.97
CA ALA A 3 -23.89 -21.47 25.72
C ALA A 3 -23.28 -20.12 26.05
N LEU A 4 -22.62 -19.50 25.08
CA LEU A 4 -22.18 -18.13 25.25
C LEU A 4 -23.38 -17.19 25.09
N SER A 5 -23.59 -16.31 26.06
CA SER A 5 -24.60 -15.26 25.93
C SER A 5 -24.15 -14.26 24.87
N LYS A 6 -25.08 -13.43 24.40
CA LYS A 6 -24.75 -12.37 23.44
C LYS A 6 -23.64 -11.46 23.97
N ASP A 7 -23.69 -11.17 25.27
CA ASP A 7 -22.64 -10.45 25.96
C ASP A 7 -21.29 -11.17 25.80
N LYS A 8 -21.31 -12.49 25.96
CA LYS A 8 -20.10 -13.31 25.87
C LYS A 8 -19.60 -13.26 24.43
N GLU A 9 -20.50 -13.49 23.49
CA GLU A 9 -20.16 -13.42 22.09
C GLU A 9 -19.46 -12.10 21.71
N GLU A 10 -19.98 -10.97 22.21
CA GLU A 10 -19.41 -9.66 21.96
C GLU A 10 -17.99 -9.52 22.52
N GLU A 11 -17.79 -10.02 23.72
CA GLU A 11 -16.45 -10.12 24.29
C GLU A 11 -15.49 -10.88 23.37
N ILE A 12 -15.92 -12.03 22.88
CA ILE A 12 -15.06 -12.80 21.99
C ILE A 12 -14.76 -11.97 20.74
N ARG A 13 -15.79 -11.37 20.17
CA ARG A 13 -15.62 -10.53 18.99
C ARG A 13 -14.51 -9.49 19.18
N LYS A 14 -14.49 -8.82 20.33
CA LYS A 14 -13.50 -7.78 20.56
C LYS A 14 -12.11 -8.35 20.60
N ILE A 15 -11.94 -9.46 21.31
CA ILE A 15 -10.62 -10.04 21.44
C ILE A 15 -10.10 -10.47 20.07
N LEU A 16 -10.97 -11.08 19.26
CA LEU A 16 -10.48 -11.60 17.99
C LEU A 16 -10.26 -10.48 16.99
N ARG A 17 -11.17 -9.50 16.99
CA ARG A 17 -11.00 -8.32 16.17
C ARG A 17 -9.69 -7.63 16.56
N ASN A 18 -9.42 -7.53 17.85
CA ASN A 18 -8.19 -6.90 18.26
C ASN A 18 -6.98 -7.70 17.73
N ASN A 19 -7.09 -9.02 17.80
CA ASN A 19 -6.04 -9.90 17.27
C ASN A 19 -5.79 -9.64 15.79
N LEU A 20 -6.87 -9.53 15.05
CA LEU A 20 -6.82 -9.22 13.63
C LEU A 20 -6.16 -7.88 13.35
N GLN A 21 -6.53 -6.86 14.12
CA GLN A 21 -5.97 -5.51 13.94
C GLN A 21 -4.45 -5.49 14.21
N LYS A 22 -4.00 -6.24 15.22
CA LYS A 22 -2.54 -6.33 15.43
C LYS A 22 -1.89 -7.05 14.28
N THR A 23 -2.61 -8.03 13.73
CA THR A 23 -2.08 -8.77 12.59
C THR A 23 -1.87 -7.82 11.40
N ARG A 24 -2.85 -6.97 11.18
CA ARG A 24 -2.79 -6.04 10.06
C ARG A 24 -1.69 -5.03 10.28
N GLN A 25 -1.53 -4.65 11.53
CA GLN A 25 -0.42 -3.79 11.91
C GLN A 25 0.91 -4.49 11.68
N ARG A 26 1.04 -5.77 12.07
CA ARG A 26 2.31 -6.48 11.75
C ARG A 26 2.56 -6.59 10.25
N LEU A 27 1.54 -6.98 9.48
CA LEU A 27 1.75 -7.11 8.03
C LEU A 27 2.24 -5.80 7.36
N ARG A 28 1.69 -4.64 7.76
CA ARG A 28 2.16 -3.38 7.19
C ARG A 28 3.61 -3.08 7.55
N SER A 29 4.01 -3.46 8.76
CA SER A 29 5.39 -3.27 9.16
C SER A 29 6.34 -4.31 8.53
N TYR A 30 5.94 -5.58 8.40
CA TYR A 30 6.78 -6.55 7.67
C TYR A 30 7.07 -5.98 6.29
N ASN A 31 6.08 -5.27 5.77
CA ASN A 31 6.12 -4.85 4.39
C ASN A 31 7.03 -3.67 4.10
N ARG A 32 7.05 -2.68 4.99
CA ARG A 32 7.93 -1.55 4.75
C ARG A 32 9.39 -1.88 5.12
N HIS A 33 9.58 -2.79 6.07
CA HIS A 33 10.91 -3.08 6.60
C HIS A 33 11.50 -4.41 6.13
N THR A 34 10.89 -5.01 5.12
CA THR A 34 11.42 -6.24 4.56
C THR A 34 12.64 -5.96 3.71
N LEU A 35 13.48 -6.98 3.53
CA LEU A 35 14.69 -6.86 2.72
C LEU A 35 14.50 -7.52 1.35
N VAL A 36 13.49 -8.38 1.25
CA VAL A 36 13.13 -8.97 -0.04
C VAL A 36 12.54 -7.88 -0.95
N ALA A 37 13.29 -7.53 -1.99
CA ALA A 37 12.89 -6.46 -2.89
C ALA A 37 11.70 -6.83 -3.77
N ASP A 38 10.78 -5.88 -3.94
CA ASP A 38 9.69 -6.03 -4.91
C ASP A 38 10.27 -5.75 -6.29
N PRO A 39 10.13 -6.72 -7.21
CA PRO A 39 10.78 -6.55 -8.51
C PRO A 39 10.10 -5.47 -9.34
N TYR A 40 8.85 -5.15 -9.01
CA TYR A 40 8.13 -4.12 -9.75
C TYR A 40 8.55 -2.73 -9.30
N GLU A 41 8.61 -2.53 -7.99
CA GLU A 41 9.13 -1.28 -7.45
C GLU A 41 10.57 -1.07 -7.93
N GLU A 42 11.37 -2.13 -7.88
CA GLU A 42 12.77 -2.06 -8.26
C GLU A 42 12.96 -1.70 -9.74
N ALA A 43 12.25 -2.41 -10.62
CA ALA A 43 12.30 -2.11 -12.05
C ALA A 43 11.87 -0.68 -12.34
N TRP A 44 10.80 -0.24 -11.70
CA TRP A 44 10.27 1.10 -11.89
C TRP A 44 11.25 2.16 -11.39
N ASN A 45 11.90 1.88 -10.27
CA ASN A 45 12.93 2.77 -9.73
C ASN A 45 14.17 2.83 -10.63
N GLN A 46 14.58 1.67 -11.16
CA GLN A 46 15.70 1.64 -12.09
C GLN A 46 15.37 2.43 -13.36
N MET A 47 14.11 2.40 -13.76
CA MET A 47 13.65 3.14 -14.93
C MET A 47 13.55 4.65 -14.64
N LEU A 48 13.07 5.00 -13.46
CA LEU A 48 12.97 6.39 -13.04
C LEU A 48 14.36 7.02 -12.90
N LEU A 49 15.28 6.29 -12.28
CA LEU A 49 16.64 6.77 -12.06
C LEU A 49 17.36 7.05 -13.37
N ARG A 50 17.30 6.11 -14.31
CA ARG A 50 17.96 6.29 -15.60
C ARG A 50 17.36 7.47 -16.36
N ARG A 51 16.06 7.70 -16.20
CA ARG A 51 15.39 8.81 -16.88
C ARG A 51 15.77 10.18 -16.32
N GLN A 52 15.89 10.25 -14.99
CA GLN A 52 16.29 11.51 -14.37
C GLN A 52 17.75 11.81 -14.72
N LYS A 53 18.60 10.79 -14.61
CA LYS A 53 20.01 10.93 -14.99
C LYS A 53 20.21 11.44 -16.41
N ALA A 54 19.30 11.11 -17.32
CA ALA A 54 19.40 11.51 -18.73
C ALA A 54 18.83 12.91 -18.96
N ARG A 55 17.90 13.31 -18.10
CA ARG A 55 17.35 14.67 -18.14
C ARG A 55 18.31 15.69 -17.48
N GLN A 56 19.08 15.23 -16.50
CA GLN A 56 20.06 16.08 -15.81
C GLN A 56 21.25 16.39 -16.70
N LEU A 57 21.67 15.41 -17.50
CA LEU A 57 22.79 15.58 -18.40
C LEU A 57 22.46 16.59 -19.49
N GLU A 58 21.25 16.47 -20.04
CA GLU A 58 20.81 17.43 -21.05
C GLU A 58 20.67 18.80 -20.44
N GLN A 59 20.42 18.83 -19.13
CA GLN A 59 20.22 20.08 -18.42
C GLN A 59 21.53 20.80 -18.09
N LYS A 60 22.56 20.05 -17.69
CA LYS A 60 23.88 20.62 -17.48
C LYS A 60 24.41 21.28 -18.76
N ILE A 61 24.22 20.63 -19.89
CA ILE A 61 24.65 21.17 -21.20
C ILE A 61 23.89 22.44 -21.53
N ASN A 62 22.56 22.39 -21.39
CA ASN A 62 21.69 23.52 -21.70
C ASN A 62 21.98 24.75 -20.81
N ASN A 63 22.64 24.52 -19.67
CA ASN A 63 23.02 25.59 -18.76
C ASN A 63 24.49 25.95 -18.88
N TYR A 64 25.21 25.22 -19.73
CA TYR A 64 26.67 25.23 -19.72
C TYR A 64 27.30 26.63 -19.70
N LEU A 65 26.96 27.48 -20.66
CA LEU A 65 27.62 28.79 -20.73
C LEU A 65 26.63 29.96 -20.69
N THR A 66 25.79 30.00 -19.66
CA THR A 66 24.81 31.07 -19.54
C THR A 66 25.01 31.86 -18.25
N LEU B 5 -3.38 8.19 -19.04
CA LEU B 5 -1.94 8.44 -19.07
C LEU B 5 -1.54 9.29 -20.27
N THR B 6 -0.30 9.79 -20.26
CA THR B 6 0.24 10.52 -21.40
C THR B 6 1.32 9.69 -22.09
N GLU B 7 1.89 10.25 -23.17
CA GLU B 7 2.84 9.52 -24.00
C GLU B 7 4.15 9.18 -23.30
N GLU B 8 4.65 10.13 -22.51
CA GLU B 8 5.85 9.89 -21.69
C GLU B 8 5.55 8.90 -20.60
N GLN B 9 4.32 8.96 -20.08
CA GLN B 9 3.90 8.09 -19.01
C GLN B 9 3.80 6.64 -19.48
N ILE B 10 3.27 6.43 -20.69
CA ILE B 10 3.23 5.09 -21.26
C ILE B 10 4.63 4.60 -21.62
N ALA B 11 5.50 5.52 -22.04
CA ALA B 11 6.91 5.17 -22.28
C ALA B 11 7.56 4.60 -21.02
N GLU B 12 7.34 5.25 -19.88
CA GLU B 12 7.90 4.77 -18.62
C GLU B 12 7.42 3.35 -18.31
N PHE B 13 6.14 3.09 -18.53
CA PHE B 13 5.58 1.74 -18.37
C PHE B 13 6.20 0.71 -19.32
N LYS B 14 6.25 1.02 -20.61
CA LYS B 14 6.91 0.15 -21.60
C LYS B 14 8.31 -0.25 -21.17
N GLU B 15 9.06 0.73 -20.66
CA GLU B 15 10.46 0.51 -20.30
C GLU B 15 10.56 -0.35 -19.04
N ALA B 16 9.77 0.02 -18.04
CA ALA B 16 9.65 -0.80 -16.82
C ALA B 16 9.33 -2.23 -17.26
N PHE B 17 8.33 -2.36 -18.13
CA PHE B 17 7.90 -3.65 -18.68
C PHE B 17 9.03 -4.37 -19.42
N SER B 18 9.80 -3.62 -20.22
CA SER B 18 10.91 -4.21 -20.96
C SER B 18 12.02 -4.77 -20.06
N LEU B 19 12.24 -4.15 -18.91
CA LEU B 19 13.17 -4.71 -17.93
C LEU B 19 12.86 -6.17 -17.66
N PHE B 20 11.58 -6.53 -17.78
CA PHE B 20 11.14 -7.91 -17.57
C PHE B 20 11.12 -8.71 -18.89
N ASP B 21 10.62 -8.09 -19.94
CA ASP B 21 10.41 -8.75 -21.24
C ASP B 21 11.60 -8.57 -22.18
N LYS B 22 12.65 -9.35 -21.95
CA LYS B 22 13.90 -9.22 -22.69
C LYS B 22 13.77 -9.67 -24.14
N ASP B 23 12.92 -10.68 -24.37
CA ASP B 23 12.77 -11.25 -25.72
C ASP B 23 11.78 -10.46 -26.59
N GLY B 24 11.20 -9.40 -26.02
CA GLY B 24 10.34 -8.50 -26.75
C GLY B 24 9.05 -9.08 -27.28
N ASP B 25 8.62 -10.23 -26.74
CA ASP B 25 7.40 -10.89 -27.23
C ASP B 25 6.10 -10.28 -26.68
N GLY B 26 6.23 -9.27 -25.81
CA GLY B 26 5.07 -8.55 -25.32
C GLY B 26 4.36 -9.18 -24.15
N THR B 27 4.93 -10.24 -23.59
CA THR B 27 4.42 -10.81 -22.35
C THR B 27 5.58 -11.14 -21.42
N ILE B 28 5.33 -11.27 -20.12
CA ILE B 28 6.39 -11.72 -19.24
C ILE B 28 6.11 -13.09 -18.62
N THR B 29 7.09 -13.96 -18.76
CA THR B 29 6.98 -15.35 -18.36
C THR B 29 7.48 -15.55 -16.93
N THR B 30 7.20 -16.72 -16.36
CA THR B 30 7.70 -17.10 -15.05
C THR B 30 9.22 -17.20 -15.07
N LYS B 31 9.76 -17.65 -16.21
CA LYS B 31 11.20 -17.73 -16.38
C LYS B 31 11.84 -16.34 -16.30
N GLU B 32 11.22 -15.38 -16.98
CA GLU B 32 11.74 -14.02 -17.01
C GLU B 32 11.61 -13.32 -15.68
N LEU B 33 10.50 -13.54 -15.00
CA LEU B 33 10.30 -13.00 -13.67
C LEU B 33 11.35 -13.59 -12.72
N GLY B 34 11.56 -14.89 -12.83
CA GLY B 34 12.58 -15.57 -12.05
C GLY B 34 13.93 -14.94 -12.26
N THR B 35 14.24 -14.65 -13.52
CA THR B 35 15.50 -14.03 -13.90
C THR B 35 15.72 -12.68 -13.23
N VAL B 36 14.72 -11.81 -13.32
CA VAL B 36 14.79 -10.49 -12.70
C VAL B 36 15.04 -10.57 -11.20
N MET B 37 14.38 -11.50 -10.53
CA MET B 37 14.55 -11.67 -9.08
C MET B 37 15.87 -12.32 -8.70
N ARG B 38 16.38 -13.19 -9.57
CA ARG B 38 17.69 -13.78 -9.36
C ARG B 38 18.76 -12.69 -9.33
N SER B 39 18.52 -11.61 -10.07
CA SER B 39 19.45 -10.48 -10.10
C SER B 39 19.27 -9.59 -8.87
N LEU B 40 18.44 -10.04 -7.93
CA LEU B 40 18.23 -9.29 -6.70
C LEU B 40 18.67 -10.09 -5.47
N GLY B 41 19.30 -11.24 -5.70
CA GLY B 41 19.84 -12.04 -4.61
C GLY B 41 18.86 -13.06 -4.04
N GLN B 42 17.62 -13.01 -4.49
CA GLN B 42 16.62 -13.98 -4.05
C GLN B 42 16.61 -15.19 -4.95
N ASN B 43 16.17 -16.32 -4.41
CA ASN B 43 16.09 -17.56 -5.16
C ASN B 43 14.70 -18.16 -5.11
N PRO B 44 13.80 -17.63 -5.95
CA PRO B 44 12.42 -18.14 -5.98
C PRO B 44 12.34 -19.50 -6.66
N THR B 45 11.49 -20.36 -6.14
CA THR B 45 11.23 -21.66 -6.77
C THR B 45 10.25 -21.47 -7.91
N GLU B 46 10.20 -22.43 -8.84
CA GLU B 46 9.32 -22.31 -9.99
C GLU B 46 7.86 -22.27 -9.56
N ALA B 47 7.56 -22.92 -8.44
CA ALA B 47 6.22 -22.87 -7.85
C ALA B 47 5.98 -21.52 -7.18
N GLU B 48 7.06 -20.86 -6.75
CA GLU B 48 6.99 -19.53 -6.17
C GLU B 48 6.66 -18.48 -7.24
N LEU B 49 7.54 -18.38 -8.23
CA LEU B 49 7.40 -17.42 -9.32
C LEU B 49 6.06 -17.54 -10.03
N GLN B 50 5.49 -18.74 -10.01
CA GLN B 50 4.21 -18.97 -10.64
C GLN B 50 3.10 -18.25 -9.90
N ASP B 51 3.24 -18.15 -8.58
CA ASP B 51 2.26 -17.49 -7.72
C ASP B 51 2.33 -15.97 -7.89
N MET B 52 3.54 -15.46 -8.10
CA MET B 52 3.74 -14.04 -8.36
C MET B 52 3.06 -13.66 -9.68
N ILE B 53 3.34 -14.44 -10.73
CA ILE B 53 2.65 -14.29 -12.01
C ILE B 53 1.15 -14.33 -11.76
N ASN B 54 0.73 -15.31 -10.97
CA ASN B 54 -0.67 -15.51 -10.63
C ASN B 54 -1.33 -14.25 -10.07
N GLU B 55 -0.61 -13.55 -9.20
CA GLU B 55 -1.12 -12.33 -8.58
C GLU B 55 -1.42 -11.20 -9.58
N VAL B 56 -0.75 -11.22 -10.73
CA VAL B 56 -0.90 -10.18 -11.73
C VAL B 56 -1.68 -10.63 -12.97
N ASP B 57 -1.73 -11.95 -13.16
CA ASP B 57 -2.24 -12.60 -14.38
C ASP B 57 -3.76 -12.61 -14.48
N ALA B 58 -4.35 -11.44 -14.74
CA ALA B 58 -5.80 -11.28 -14.85
C ALA B 58 -6.56 -12.32 -15.71
N ASP B 59 -6.20 -12.48 -16.98
CA ASP B 59 -6.94 -13.45 -17.83
C ASP B 59 -6.63 -14.92 -17.52
N GLY B 60 -5.57 -15.17 -16.76
CA GLY B 60 -5.23 -16.50 -16.29
C GLY B 60 -4.58 -17.43 -17.31
N ASN B 61 -3.99 -16.87 -18.36
CA ASN B 61 -3.32 -17.66 -19.41
C ASN B 61 -1.85 -17.97 -19.11
N GLY B 62 -1.43 -17.72 -17.87
CA GLY B 62 -0.08 -18.10 -17.45
C GLY B 62 1.01 -17.05 -17.55
N THR B 63 0.85 -16.04 -18.40
CA THR B 63 1.84 -14.97 -18.54
C THR B 63 1.23 -13.60 -18.25
N ILE B 64 2.06 -12.58 -18.13
CA ILE B 64 1.59 -11.23 -17.86
C ILE B 64 1.78 -10.36 -19.11
N ASP B 65 0.69 -9.94 -19.73
CA ASP B 65 0.81 -9.05 -20.88
C ASP B 65 0.89 -7.60 -20.42
N PHE B 66 1.08 -6.68 -21.36
CA PHE B 66 1.34 -5.30 -20.99
C PHE B 66 0.16 -4.62 -20.28
N PRO B 67 -1.07 -4.76 -20.82
CA PRO B 67 -2.24 -4.16 -20.16
C PRO B 67 -2.42 -4.68 -18.71
N GLU B 68 -2.08 -5.94 -18.46
CA GLU B 68 -2.12 -6.47 -17.10
C GLU B 68 -1.07 -5.84 -16.20
N PHE B 69 0.11 -5.63 -16.77
CA PHE B 69 1.20 -4.93 -16.09
C PHE B 69 0.79 -3.50 -15.71
N LEU B 70 0.13 -2.82 -16.65
CA LEU B 70 -0.44 -1.49 -16.40
C LEU B 70 -1.37 -1.47 -15.18
N THR B 71 -2.44 -2.24 -15.26
CA THR B 71 -3.42 -2.32 -14.20
C THR B 71 -2.80 -2.50 -12.82
N MET B 72 -1.84 -3.41 -12.71
CA MET B 72 -1.24 -3.64 -11.39
C MET B 72 -0.24 -2.55 -10.99
N MET B 73 0.38 -1.88 -11.97
CA MET B 73 1.21 -0.75 -11.64
C MET B 73 0.36 0.44 -11.20
N ALA B 74 -0.71 0.73 -11.94
CA ALA B 74 -1.63 1.80 -11.56
C ALA B 74 -2.16 1.58 -10.15
N ARG B 75 -2.31 0.31 -9.76
CA ARG B 75 -2.81 -0.05 -8.43
C ARG B 75 -1.75 0.12 -7.34
N LYS B 76 -0.48 -0.10 -7.68
CA LYS B 76 0.60 0.17 -6.72
C LYS B 76 0.75 1.68 -6.51
N MET B 77 0.59 2.44 -7.58
CA MET B 77 0.60 3.89 -7.51
C MET B 77 -0.58 4.42 -6.70
N LYS B 78 -1.77 3.85 -6.92
CA LYS B 78 -2.95 4.23 -6.15
C LYS B 78 -2.77 3.95 -4.66
N ASP B 79 -2.13 2.84 -4.31
CA ASP B 79 -1.85 2.54 -2.90
C ASP B 79 -0.83 3.52 -2.31
N THR B 80 0.16 3.91 -3.11
CA THR B 80 1.13 4.89 -2.67
C THR B 80 0.45 6.23 -2.40
N ASP B 81 -0.36 6.67 -3.34
CA ASP B 81 -1.10 7.94 -3.22
C ASP B 81 -2.08 7.91 -2.04
N SER B 82 -2.69 6.75 -1.79
CA SER B 82 -3.59 6.60 -0.64
C SER B 82 -2.87 6.75 0.72
N GLU B 83 -1.71 6.12 0.86
CA GLU B 83 -0.92 6.27 2.07
C GLU B 83 -0.58 7.74 2.29
N GLU B 84 -0.19 8.41 1.22
CA GLU B 84 0.09 9.84 1.28
C GLU B 84 -1.15 10.61 1.72
N GLU B 85 -2.31 10.32 1.13
CA GLU B 85 -3.54 11.02 1.50
C GLU B 85 -3.97 10.75 2.95
N ILE B 86 -3.83 9.52 3.40
CA ILE B 86 -4.07 9.14 4.80
C ILE B 86 -3.16 9.86 5.79
N ARG B 87 -1.88 10.04 5.43
CA ARG B 87 -0.94 10.78 6.30
C ARG B 87 -1.32 12.25 6.37
N GLU B 88 -1.73 12.82 5.24
CA GLU B 88 -2.18 14.23 5.22
C GLU B 88 -3.45 14.44 6.07
N ALA B 89 -4.44 13.58 5.89
CA ALA B 89 -5.63 13.63 6.75
C ALA B 89 -5.29 13.47 8.25
N PHE B 90 -4.45 12.50 8.60
CA PHE B 90 -4.15 12.32 10.02
C PHE B 90 -3.61 13.62 10.61
N ARG B 91 -2.76 14.28 9.84
CA ARG B 91 -2.03 15.48 10.22
C ARG B 91 -2.97 16.64 10.46
N VAL B 92 -4.02 16.71 9.65
CA VAL B 92 -5.08 17.70 9.80
C VAL B 92 -5.96 17.39 11.02
N PHE B 93 -6.41 16.13 11.13
CA PHE B 93 -7.19 15.69 12.31
C PHE B 93 -6.43 15.79 13.69
N ASP B 94 -5.15 15.46 13.72
CA ASP B 94 -4.34 15.59 14.95
C ASP B 94 -3.87 17.06 15.07
N LYS B 95 -4.76 17.92 15.55
CA LYS B 95 -4.52 19.37 15.54
C LYS B 95 -3.34 19.82 16.42
N ASP B 96 -3.20 19.26 17.60
CA ASP B 96 -2.05 19.65 18.42
C ASP B 96 -0.75 18.96 18.00
N GLY B 97 -0.81 18.10 16.99
CA GLY B 97 0.39 17.43 16.53
C GLY B 97 1.06 16.46 17.50
N ASN B 98 0.35 15.96 18.53
CA ASN B 98 1.05 15.05 19.47
C ASN B 98 1.18 13.62 18.95
N GLY B 99 0.63 13.34 17.76
CA GLY B 99 0.71 12.02 17.14
C GLY B 99 -0.45 11.10 17.49
N TYR B 100 -1.44 11.63 18.23
CA TYR B 100 -2.62 10.90 18.66
C TYR B 100 -3.88 11.71 18.35
N ILE B 101 -4.94 11.09 17.84
CA ILE B 101 -6.21 11.78 17.69
C ILE B 101 -7.03 11.49 18.93
N SER B 102 -7.49 12.53 19.58
CA SER B 102 -8.20 12.39 20.83
C SER B 102 -9.71 12.44 20.54
N ALA B 103 -10.52 12.18 21.55
CA ALA B 103 -11.97 12.36 21.50
C ALA B 103 -12.36 13.74 21.01
N ALA B 104 -11.86 14.76 21.69
CA ALA B 104 -12.14 16.14 21.34
C ALA B 104 -11.83 16.38 19.88
N GLU B 105 -10.70 15.85 19.41
CA GLU B 105 -10.28 16.09 18.04
C GLU B 105 -11.16 15.38 16.98
N LEU B 106 -11.74 14.25 17.36
CA LEU B 106 -12.52 13.39 16.48
C LEU B 106 -13.92 13.98 16.39
N ARG B 107 -14.36 14.51 17.52
CA ARG B 107 -15.62 15.24 17.64
C ARG B 107 -15.55 16.44 16.70
N HIS B 108 -14.43 17.13 16.71
CA HIS B 108 -14.26 18.25 15.82
C HIS B 108 -14.26 17.80 14.34
N VAL B 109 -13.47 16.78 14.02
CA VAL B 109 -13.49 16.25 12.66
C VAL B 109 -14.93 15.92 12.17
N MET B 110 -15.65 15.17 13.00
CA MET B 110 -16.99 14.69 12.68
C MET B 110 -18.00 15.84 12.55
N THR B 111 -17.87 16.85 13.39
CA THR B 111 -18.68 18.04 13.27
C THR B 111 -18.37 18.74 11.96
N ASN B 112 -17.09 18.83 11.64
CA ASN B 112 -16.72 19.41 10.36
C ASN B 112 -17.22 18.61 9.16
N LEU B 113 -17.44 17.31 9.31
CA LEU B 113 -17.91 16.50 8.18
C LEU B 113 -19.44 16.38 8.10
N GLY B 114 -20.15 17.14 8.91
CA GLY B 114 -21.60 17.16 8.86
C GLY B 114 -22.34 16.26 9.83
N GLU B 115 -21.62 15.54 10.68
CA GLU B 115 -22.29 14.65 11.64
C GLU B 115 -22.56 15.25 13.04
N LYS B 116 -23.56 14.72 13.74
CA LYS B 116 -23.96 15.20 15.06
C LYS B 116 -23.83 14.05 16.05
N LEU B 117 -22.83 14.11 16.90
CA LEU B 117 -22.40 12.96 17.66
C LEU B 117 -22.71 13.14 19.12
N THR B 118 -23.00 12.05 19.80
CA THR B 118 -23.04 12.07 21.25
C THR B 118 -21.66 11.63 21.72
N ASP B 119 -21.35 11.85 22.99
CA ASP B 119 -20.11 11.34 23.58
C ASP B 119 -20.02 9.83 23.58
N GLU B 120 -21.15 9.16 23.76
CA GLU B 120 -21.13 7.71 23.74
C GLU B 120 -20.76 7.22 22.34
N GLU B 121 -21.23 7.89 21.29
CA GLU B 121 -20.80 7.54 19.94
C GLU B 121 -19.30 7.80 19.72
N VAL B 122 -18.81 8.95 20.15
CA VAL B 122 -17.41 9.23 19.96
C VAL B 122 -16.60 8.14 20.67
N ASP B 123 -16.98 7.80 21.89
CA ASP B 123 -16.22 6.84 22.67
C ASP B 123 -16.28 5.44 22.04
N GLU B 124 -17.41 5.09 21.43
CA GLU B 124 -17.47 3.79 20.81
C GLU B 124 -16.70 3.77 19.49
N MET B 125 -16.65 4.89 18.78
CA MET B 125 -15.83 4.96 17.57
C MET B 125 -14.36 4.77 17.92
N ILE B 126 -13.86 5.58 18.86
CA ILE B 126 -12.50 5.43 19.34
C ILE B 126 -12.22 4.03 19.85
N ARG B 127 -13.08 3.52 20.72
CA ARG B 127 -12.88 2.18 21.27
C ARG B 127 -12.76 1.08 20.17
N GLU B 128 -13.61 1.11 19.14
CA GLU B 128 -13.50 0.10 18.09
C GLU B 128 -12.23 0.25 17.28
N ALA B 129 -11.74 1.47 17.15
CA ALA B 129 -10.53 1.66 16.35
C ALA B 129 -9.25 1.52 17.19
N ASP B 130 -9.40 1.44 18.49
CA ASP B 130 -8.28 1.56 19.43
C ASP B 130 -7.60 0.18 19.58
N ILE B 131 -6.37 0.06 19.11
CA ILE B 131 -5.68 -1.23 19.06
C ILE B 131 -4.87 -1.49 20.34
N ASP B 132 -4.07 -0.51 20.77
CA ASP B 132 -3.25 -0.63 22.00
C ASP B 132 -4.00 -0.29 23.28
N GLY B 133 -5.28 0.01 23.17
CA GLY B 133 -6.09 0.38 24.33
C GLY B 133 -5.76 1.69 25.08
N ASP B 134 -5.07 2.64 24.45
CA ASP B 134 -4.75 3.88 25.20
C ASP B 134 -5.85 4.95 25.14
N GLY B 135 -6.98 4.65 24.50
CA GLY B 135 -8.13 5.56 24.45
C GLY B 135 -8.04 6.69 23.42
N GLN B 136 -7.00 6.68 22.58
CA GLN B 136 -6.85 7.66 21.52
C GLN B 136 -6.46 6.93 20.24
N VAL B 137 -6.44 7.62 19.10
CA VAL B 137 -6.18 6.95 17.83
C VAL B 137 -4.83 7.39 17.26
N ASN B 138 -3.88 6.47 17.21
CA ASN B 138 -2.59 6.78 16.63
C ASN B 138 -2.64 6.61 15.12
N TYR B 139 -1.53 6.88 14.44
CA TYR B 139 -1.50 6.79 12.98
C TYR B 139 -1.84 5.37 12.41
N GLU B 140 -1.18 4.33 12.91
CA GLU B 140 -1.50 2.97 12.49
C GLU B 140 -2.97 2.59 12.68
N GLU B 141 -3.56 3.01 13.80
CA GLU B 141 -4.98 2.80 14.06
C GLU B 141 -5.92 3.55 13.11
N PHE B 142 -5.48 4.73 12.68
CA PHE B 142 -6.24 5.59 11.80
C PHE B 142 -6.22 5.00 10.39
N VAL B 143 -5.05 4.51 9.98
CA VAL B 143 -4.89 3.79 8.73
C VAL B 143 -5.91 2.65 8.60
N GLN B 144 -6.04 1.83 9.62
CA GLN B 144 -7.02 0.76 9.54
C GLN B 144 -8.46 1.31 9.52
N MET B 145 -8.73 2.38 10.25
CA MET B 145 -10.07 2.93 10.16
C MET B 145 -10.38 3.54 8.78
N MET B 146 -9.36 4.07 8.09
CA MET B 146 -9.56 4.70 6.78
C MET B 146 -9.63 3.67 5.63
N THR B 147 -9.02 2.51 5.81
CA THR B 147 -8.89 1.52 4.74
C THR B 147 -9.84 0.35 4.95
N ALA B 148 -10.69 0.44 5.96
CA ALA B 148 -11.69 -0.58 6.19
C ALA B 148 -12.60 -0.59 4.99
N LYS B 149 -12.63 -1.71 4.27
CA LYS B 149 -13.62 -1.88 3.21
C LYS B 149 -14.87 -2.51 3.83
N ALA B 150 -14.88 -2.50 5.16
CA ALA B 150 -16.00 -2.97 5.96
C ALA B 150 -16.39 -1.91 6.98
C1 MPD C . -13.63 -15.88 28.93
C2 MPD C . -13.40 -14.78 27.89
O2 MPD C . -14.00 -15.20 26.65
CM MPD C . -14.08 -13.49 28.35
C3 MPD C . -11.91 -14.54 27.66
C4 MPD C . -11.25 -13.82 28.82
O4 MPD C . -11.25 -14.64 29.97
C5 MPD C . -9.81 -13.45 28.50
C TAM D . -21.11 -6.42 15.80
C1 TAM D . -20.99 -6.13 17.30
C2 TAM D . -20.27 -5.39 15.02
C3 TAM D . -20.69 -7.85 15.46
C4 TAM D . -22.35 -5.77 17.87
C5 TAM D . -19.05 -6.05 14.38
C6 TAM D . -21.36 -8.33 14.18
N TAM D . -22.51 -6.28 15.42
O4 TAM D . -22.20 -4.90 19.00
O5 TAM D . -18.65 -5.34 13.20
O6 TAM D . -21.22 -9.75 14.08
CA CA E . -3.68 15.16 19.15
CA CA F . -2.16 -13.01 -19.11
CA CA G . 8.72 -12.75 -22.75
CA CA H . -4.80 3.79 20.58
C1 MRD I . 4.13 2.45 -6.24
C2 MRD I . 5.48 2.68 -6.92
O2 MRD I . 5.71 1.60 -7.86
CM MRD I . 6.59 2.69 -5.88
C3 MRD I . 5.43 4.00 -7.69
C4 MRD I . 5.25 5.20 -6.75
O4 MRD I . 4.30 6.08 -7.33
C5 MRD I . 6.55 5.95 -6.53
C TAM J . 3.56 5.27 13.00
C1 TAM J . 4.23 4.02 12.41
C2 TAM J . 2.12 4.94 13.34
C3 TAM J . 3.68 6.42 12.00
C4 TAM J . 3.59 3.60 11.09
C5 TAM J . 1.99 4.49 14.79
C6 TAM J . 3.47 7.80 12.59
N TAM J . 4.27 5.65 14.22
O4 TAM J . 4.32 4.14 9.97
O5 TAM J . 0.61 4.44 15.20
O6 TAM J . 3.58 8.78 11.53
C TAM K . -20.71 4.02 25.37
C1 TAM K . -19.64 4.27 24.31
C2 TAM K . -22.10 4.19 24.78
C3 TAM K . -20.51 4.98 26.57
C4 TAM K . -19.05 2.93 23.82
C5 TAM K . -23.21 4.10 25.83
C6 TAM K . -19.08 5.52 26.64
N TAM K . -20.66 2.63 25.82
O4 TAM K . -17.76 2.58 24.38
O5 TAM K . -24.40 4.74 25.31
O6 TAM K . -19.08 6.96 26.63
#